data_6LJH
#
_entry.id   6LJH
#
_cell.length_a   94.446
_cell.length_b   54.153
_cell.length_c   90.374
_cell.angle_alpha   90.000
_cell.angle_beta   101.280
_cell.angle_gamma   90.000
#
_symmetry.space_group_name_H-M   'C 1 2 1'
#
loop_
_entity.id
_entity.type
_entity.pdbx_description
1 polymer 'Alcohol dehydrogenase 1'
2 non-polymer NICOTINAMIDE-ADENINE-DINUCLEOTIDE
3 non-polymer 'ZINC ION'
4 non-polymer GLYCEROL
5 non-polymer 'SODIUM ION'
6 water water
#
_entity_poly.entity_id   1
_entity_poly.type   'polypeptide(L)'
_entity_poly.pdbx_seq_one_letter_code
;MAQKAPGVITCKAAVVWESSGPVVLEEIRVDPPKASEVRIKMLCASLCHTDVLCTKGFPIPLFPRIPGHEGVGVIESIGK
DAKGLKPGDIVMPLYLGECGQCLNCKTGKTNLCHVYPPSFSGLMNDGTSRMSIARTGESIYHFASCSTWTEYAVADCNYV
LKINPKISYPHASFLSCGFTTGFGATWRETQVSKGSSVAVFGIGTVGLGVIKGAQLQGASKIIGVDVNQYKAAKGKVFGM
TDFINPKDHPDKSVSELVKELTHGLGVDHCFECTGVPSLLNEALEASKIGIGTVVPIGAGGEASVAINSLILFSGRTLKF
TAFGGVRTQSDLPVIIDKCLNKEIQLDELLTHEIHLDNIQEAFEILKKPDCVKILIKFLEHHHHHH
;
_entity_poly.pdbx_strand_id   A
#
# COMPACT_ATOMS: atom_id res chain seq x y z
N PRO A 6 -5.18 -29.61 -11.51
CA PRO A 6 -4.23 -28.68 -12.09
C PRO A 6 -2.83 -29.10 -11.73
N GLY A 7 -1.98 -29.18 -12.73
CA GLY A 7 -0.59 -29.54 -12.50
C GLY A 7 0.23 -28.31 -12.22
N VAL A 8 1.51 -28.45 -12.47
CA VAL A 8 2.44 -27.34 -12.36
C VAL A 8 2.30 -26.47 -13.59
N ILE A 9 2.25 -25.15 -13.38
CA ILE A 9 2.20 -24.17 -14.45
C ILE A 9 3.60 -23.63 -14.74
N THR A 10 3.94 -23.50 -16.01
CA THR A 10 5.17 -22.84 -16.43
C THR A 10 4.80 -21.44 -16.92
N CYS A 11 5.44 -20.41 -16.38
CA CYS A 11 5.11 -19.03 -16.74
C CYS A 11 6.33 -18.13 -16.52
N LYS A 12 6.14 -16.84 -16.75
CA LYS A 12 7.18 -15.82 -16.58
C LYS A 12 6.98 -15.08 -15.26
N ALA A 13 8.09 -14.61 -14.69
CA ALA A 13 8.04 -13.81 -13.47
C ALA A 13 9.30 -12.95 -13.39
N ALA A 14 9.17 -11.80 -12.73
CA ALA A 14 10.29 -10.92 -12.49
C ALA A 14 11.01 -11.38 -11.22
N VAL A 15 12.33 -11.61 -11.33
CA VAL A 15 13.10 -12.19 -10.25
C VAL A 15 14.27 -11.28 -9.95
N VAL A 16 14.54 -11.06 -8.67
CA VAL A 16 15.77 -10.40 -8.25
C VAL A 16 16.62 -11.46 -7.57
N TRP A 17 17.89 -11.52 -7.93
CA TRP A 17 18.75 -12.59 -7.47
C TRP A 17 19.67 -12.19 -6.33
N GLU A 18 19.93 -10.90 -6.16
CA GLU A 18 20.80 -10.41 -5.10
C GLU A 18 20.41 -8.97 -4.79
N SER A 19 20.80 -8.51 -3.61
CA SER A 19 20.51 -7.15 -3.19
C SER A 19 21.04 -6.17 -4.22
N SER A 20 20.21 -5.18 -4.55
CA SER A 20 20.45 -4.14 -5.55
C SER A 20 20.74 -4.70 -6.94
N GLY A 21 20.46 -5.97 -7.18
CA GLY A 21 20.61 -6.54 -8.49
C GLY A 21 19.49 -6.13 -9.41
N PRO A 22 19.67 -6.41 -10.70
CA PRO A 22 18.60 -6.17 -11.67
C PRO A 22 17.41 -7.09 -11.40
N VAL A 23 16.25 -6.63 -11.85
CA VAL A 23 15.03 -7.43 -11.81
C VAL A 23 14.88 -8.04 -13.20
N VAL A 24 15.00 -9.36 -13.31
CA VAL A 24 15.08 -9.98 -14.63
C VAL A 24 13.93 -10.96 -14.81
N LEU A 25 13.45 -11.05 -16.05
CA LEU A 25 12.37 -11.96 -16.36
C LEU A 25 12.92 -13.39 -16.45
N GLU A 26 12.29 -14.31 -15.72
CA GLU A 26 12.72 -15.70 -15.71
C GLU A 26 11.52 -16.60 -16.01
N GLU A 27 11.82 -17.76 -16.62
CA GLU A 27 10.81 -18.81 -16.71
C GLU A 27 10.77 -19.55 -15.39
N ILE A 28 9.58 -19.64 -14.78
CA ILE A 28 9.41 -20.28 -13.49
C ILE A 28 8.33 -21.35 -13.59
N ARG A 29 8.28 -22.18 -12.56
CA ARG A 29 7.21 -23.16 -12.36
C ARG A 29 6.39 -22.78 -11.15
N VAL A 30 5.07 -22.91 -11.25
CA VAL A 30 4.18 -22.58 -10.14
C VAL A 30 3.41 -23.85 -9.78
N ASP A 31 3.69 -24.39 -8.60
CA ASP A 31 3.06 -25.60 -8.14
C ASP A 31 1.57 -25.37 -7.87
N PRO A 32 0.76 -26.43 -7.89
CA PRO A 32 -0.65 -26.28 -7.59
C PRO A 32 -0.88 -25.92 -6.14
N PRO A 33 -2.02 -25.30 -5.82
CA PRO A 33 -2.28 -24.92 -4.42
C PRO A 33 -2.52 -26.15 -3.56
N LYS A 34 -1.98 -26.10 -2.33
CA LYS A 34 -2.26 -27.12 -1.34
C LYS A 34 -3.48 -26.73 -0.52
N ALA A 35 -3.72 -27.43 0.58
CA ALA A 35 -4.86 -27.12 1.43
C ALA A 35 -4.85 -25.66 1.85
N SER A 36 -6.01 -25.02 1.73
CA SER A 36 -6.26 -23.63 2.14
C SER A 36 -5.49 -22.62 1.31
N GLU A 37 -5.04 -23.01 0.10
CA GLU A 37 -4.38 -22.10 -0.81
C GLU A 37 -5.21 -21.95 -2.08
N VAL A 38 -4.97 -20.85 -2.79
CA VAL A 38 -5.54 -20.68 -4.12
C VAL A 38 -4.42 -20.23 -5.06
N ARG A 39 -4.53 -20.62 -6.33
CA ARG A 39 -3.59 -20.19 -7.36
C ARG A 39 -4.29 -19.18 -8.25
N ILE A 40 -3.61 -18.08 -8.54
CA ILE A 40 -4.22 -16.92 -9.16
C ILE A 40 -3.48 -16.58 -10.45
N LYS A 41 -4.24 -16.29 -11.50
CA LYS A 41 -3.68 -15.70 -12.71
C LYS A 41 -3.71 -14.19 -12.55
N MET A 42 -2.56 -13.54 -12.62
CA MET A 42 -2.50 -12.10 -12.40
CA MET A 42 -2.52 -12.10 -12.38
C MET A 42 -3.11 -11.35 -13.58
N LEU A 43 -3.92 -10.35 -13.27
CA LEU A 43 -4.56 -9.50 -14.27
C LEU A 43 -3.82 -8.19 -14.47
N CYS A 44 -3.33 -7.61 -13.38
CA CYS A 44 -2.43 -6.46 -13.46
CA CYS A 44 -2.46 -6.43 -13.44
C CYS A 44 -1.77 -6.30 -12.10
N ALA A 45 -0.72 -5.49 -12.06
CA ALA A 45 0.02 -5.30 -10.82
C ALA A 45 0.43 -3.85 -10.71
N SER A 46 0.97 -3.48 -9.56
CA SER A 46 1.57 -2.16 -9.42
C SER A 46 2.82 -2.29 -8.55
N LEU A 47 3.31 -1.14 -8.07
CA LEU A 47 4.62 -1.02 -7.45
C LEU A 47 4.55 0.13 -6.45
N CYS A 48 5.18 -0.05 -5.30
CA CYS A 48 5.42 1.07 -4.40
C CYS A 48 6.81 0.91 -3.78
N HIS A 49 7.17 1.84 -2.88
CA HIS A 49 8.53 1.86 -2.34
C HIS A 49 8.88 0.56 -1.62
N THR A 50 7.88 -0.11 -1.05
CA THR A 50 8.13 -1.36 -0.35
CA THR A 50 8.17 -1.35 -0.35
C THR A 50 8.73 -2.41 -1.29
N ASP A 51 8.34 -2.38 -2.57
CA ASP A 51 8.94 -3.31 -3.54
C ASP A 51 10.38 -2.93 -3.83
N VAL A 52 10.67 -1.64 -3.93
CA VAL A 52 12.05 -1.19 -4.15
C VAL A 52 12.94 -1.69 -3.02
N LEU A 53 12.47 -1.55 -1.78
CA LEU A 53 13.24 -2.01 -0.63
C LEU A 53 13.53 -3.50 -0.74
N CYS A 54 12.54 -4.27 -1.18
CA CYS A 54 12.71 -5.71 -1.31
C CYS A 54 13.87 -6.06 -2.24
N THR A 55 14.06 -5.30 -3.31
CA THR A 55 15.15 -5.57 -4.24
C THR A 55 16.51 -5.23 -3.64
N LYS A 56 16.53 -4.43 -2.57
CA LYS A 56 17.75 -4.11 -1.84
C LYS A 56 17.92 -4.98 -0.60
N GLY A 57 17.12 -6.02 -0.45
CA GLY A 57 17.23 -6.91 0.69
C GLY A 57 16.66 -6.39 1.99
N PHE A 58 15.78 -5.37 1.94
CA PHE A 58 15.15 -4.89 3.17
C PHE A 58 13.67 -5.25 3.19
N PRO A 59 13.11 -5.65 4.35
CA PRO A 59 13.78 -5.78 5.66
C PRO A 59 14.65 -7.02 5.81
N ILE A 60 14.28 -8.13 5.18
CA ILE A 60 15.05 -9.37 5.25
C ILE A 60 15.59 -9.68 3.86
N PRO A 61 16.89 -9.93 3.72
CA PRO A 61 17.44 -10.27 2.39
C PRO A 61 17.18 -11.71 2.02
N LEU A 62 16.07 -11.97 1.33
CA LEU A 62 15.69 -13.30 0.90
C LEU A 62 15.75 -13.35 -0.61
N PHE A 63 16.64 -14.19 -1.15
CA PHE A 63 16.86 -14.24 -2.58
C PHE A 63 17.03 -15.70 -3.00
N PRO A 64 16.63 -16.05 -4.23
CA PRO A 64 16.01 -15.17 -5.20
C PRO A 64 14.56 -14.91 -4.83
N ARG A 65 14.00 -13.84 -5.38
CA ARG A 65 12.71 -13.36 -4.93
C ARG A 65 11.93 -12.80 -6.10
N ILE A 66 10.62 -13.02 -6.07
CA ILE A 66 9.70 -12.36 -6.99
C ILE A 66 9.02 -11.24 -6.22
N PRO A 67 9.26 -9.97 -6.55
CA PRO A 67 8.66 -8.86 -5.80
C PRO A 67 7.19 -8.68 -6.18
N GLY A 68 6.60 -7.63 -5.62
CA GLY A 68 5.23 -7.28 -5.96
C GLY A 68 4.23 -7.72 -4.90
N HIS A 69 3.50 -6.77 -4.34
CA HIS A 69 2.41 -7.07 -3.43
C HIS A 69 1.09 -6.46 -3.89
N GLU A 70 1.12 -5.49 -4.79
CA GLU A 70 -0.07 -4.81 -5.27
C GLU A 70 -0.54 -5.43 -6.57
N GLY A 71 -1.82 -5.73 -6.67
CA GLY A 71 -2.34 -6.26 -7.90
C GLY A 71 -3.71 -6.86 -7.69
N VAL A 72 -4.18 -7.54 -8.73
CA VAL A 72 -5.48 -8.19 -8.74
C VAL A 72 -5.37 -9.37 -9.70
N GLY A 73 -6.10 -10.44 -9.41
CA GLY A 73 -6.02 -11.60 -10.28
C GLY A 73 -7.32 -12.38 -10.29
N VAL A 74 -7.35 -13.44 -11.08
CA VAL A 74 -8.50 -14.34 -11.14
C VAL A 74 -8.07 -15.71 -10.65
N ILE A 75 -8.89 -16.33 -9.81
CA ILE A 75 -8.54 -17.66 -9.29
C ILE A 75 -8.55 -18.66 -10.43
N GLU A 76 -7.44 -19.39 -10.56
CA GLU A 76 -7.29 -20.44 -11.56
C GLU A 76 -7.54 -21.82 -10.97
N SER A 77 -7.21 -22.03 -9.71
CA SER A 77 -7.51 -23.30 -9.04
C SER A 77 -7.43 -23.10 -7.54
N ILE A 78 -8.01 -24.04 -6.81
CA ILE A 78 -8.14 -23.94 -5.36
C ILE A 78 -7.68 -25.25 -4.72
N GLY A 79 -7.12 -25.12 -3.52
CA GLY A 79 -6.89 -26.29 -2.70
C GLY A 79 -8.14 -26.67 -1.95
N LYS A 80 -8.02 -27.71 -1.14
CA LYS A 80 -9.12 -28.05 -0.23
C LYS A 80 -9.25 -26.98 0.84
N ASP A 81 -10.50 -26.80 1.30
CA ASP A 81 -10.82 -25.91 2.41
C ASP A 81 -10.41 -24.47 2.09
N ALA A 82 -10.81 -23.99 0.91
CA ALA A 82 -10.51 -22.64 0.46
C ALA A 82 -11.59 -21.65 0.84
N LYS A 83 -12.43 -21.98 1.81
CA LYS A 83 -13.38 -21.05 2.43
C LYS A 83 -14.29 -20.39 1.39
N GLY A 84 -14.76 -21.18 0.44
CA GLY A 84 -15.75 -20.70 -0.50
C GLY A 84 -15.19 -20.03 -1.74
N LEU A 85 -13.88 -19.81 -1.81
CA LEU A 85 -13.27 -19.32 -3.04
C LEU A 85 -13.32 -20.40 -4.11
N LYS A 86 -13.42 -19.98 -5.36
CA LYS A 86 -13.59 -20.92 -6.44
C LYS A 86 -12.96 -20.35 -7.71
N PRO A 87 -12.61 -21.21 -8.67
CA PRO A 87 -12.05 -20.72 -9.95
C PRO A 87 -12.96 -19.67 -10.58
N GLY A 88 -12.34 -18.61 -11.08
CA GLY A 88 -13.04 -17.53 -11.74
C GLY A 88 -13.34 -16.33 -10.86
N ASP A 89 -13.22 -16.48 -9.54
CA ASP A 89 -13.38 -15.33 -8.64
C ASP A 89 -12.26 -14.32 -8.89
N ILE A 90 -12.60 -13.05 -8.82
CA ILE A 90 -11.62 -11.97 -8.89
C ILE A 90 -11.19 -11.65 -7.46
N VAL A 91 -9.89 -11.64 -7.21
CA VAL A 91 -9.37 -11.47 -5.85
C VAL A 91 -8.27 -10.43 -5.82
N MET A 92 -8.16 -9.75 -4.67
CA MET A 92 -6.96 -8.94 -4.45
C MET A 92 -6.15 -9.51 -3.29
N PRO A 93 -4.82 -9.55 -3.40
CA PRO A 93 -4.00 -10.07 -2.30
C PRO A 93 -4.02 -9.13 -1.11
N LEU A 94 -3.83 -9.70 0.08
CA LEU A 94 -3.93 -8.95 1.33
C LEU A 94 -2.61 -9.01 2.10
N TYR A 95 -2.33 -7.92 2.80
CA TYR A 95 -1.19 -7.82 3.71
C TYR A 95 -1.44 -8.57 5.01
N LEU A 96 -2.70 -8.59 5.45
CA LEU A 96 -3.06 -9.25 6.68
C LEU A 96 -4.52 -9.63 6.54
N GLY A 97 -4.92 -10.66 7.29
CA GLY A 97 -6.27 -11.17 7.22
C GLY A 97 -7.14 -10.61 8.32
N GLU A 98 -8.36 -11.16 8.40
CA GLU A 98 -9.29 -10.76 9.46
C GLU A 98 -10.09 -12.01 9.81
N CYS A 99 -9.79 -12.62 10.94
CA CYS A 99 -10.47 -13.85 11.33
C CYS A 99 -11.82 -13.57 11.97
N GLY A 100 -12.03 -12.37 12.52
CA GLY A 100 -13.29 -12.00 13.12
C GLY A 100 -13.57 -12.60 14.49
N GLN A 101 -12.69 -13.45 15.01
CA GLN A 101 -12.95 -14.20 16.22
C GLN A 101 -11.90 -14.03 17.31
N CYS A 102 -10.70 -13.54 16.99
CA CYS A 102 -9.63 -13.44 17.97
C CYS A 102 -9.89 -12.23 18.89
N LEU A 103 -9.04 -12.09 19.90
CA LEU A 103 -9.24 -11.00 20.87
C LEU A 103 -9.21 -9.64 20.20
N ASN A 104 -8.28 -9.44 19.27
CA ASN A 104 -8.20 -8.13 18.62
C ASN A 104 -9.39 -7.88 17.69
N CYS A 105 -9.80 -8.89 16.91
CA CYS A 105 -10.94 -8.72 16.01
C CYS A 105 -12.22 -8.42 16.78
N LYS A 106 -12.39 -9.07 17.92
CA LYS A 106 -13.63 -8.88 18.68
C LYS A 106 -13.77 -7.45 19.21
N THR A 107 -12.65 -6.73 19.43
CA THR A 107 -12.77 -5.37 19.96
C THR A 107 -13.38 -4.40 18.95
N GLY A 108 -13.30 -4.68 17.66
CA GLY A 108 -13.64 -3.69 16.65
C GLY A 108 -12.69 -2.52 16.53
N LYS A 109 -11.64 -2.46 17.34
CA LYS A 109 -10.78 -1.28 17.41
C LYS A 109 -9.49 -1.40 16.59
N THR A 110 -9.26 -2.52 15.92
CA THR A 110 -7.97 -2.73 15.27
C THR A 110 -8.14 -3.66 14.07
N ASN A 111 -7.25 -3.50 13.10
CA ASN A 111 -7.17 -4.44 11.99
C ASN A 111 -6.05 -5.45 12.18
N LEU A 112 -5.38 -5.46 13.34
CA LEU A 112 -4.18 -6.28 13.53
C LEU A 112 -4.60 -7.62 14.13
N CYS A 113 -5.14 -8.46 13.25
CA CYS A 113 -5.63 -9.77 13.64
C CYS A 113 -4.53 -10.65 14.22
N HIS A 114 -4.85 -11.35 15.32
CA HIS A 114 -3.87 -12.27 15.91
C HIS A 114 -3.66 -13.51 15.06
N VAL A 115 -4.68 -13.91 14.31
CA VAL A 115 -4.64 -15.20 13.63
C VAL A 115 -4.01 -15.09 12.24
N TYR A 116 -4.22 -13.98 11.54
CA TYR A 116 -3.68 -13.74 10.20
C TYR A 116 -2.83 -12.48 10.17
N PRO A 117 -1.69 -12.48 10.85
CA PRO A 117 -0.84 -11.30 10.88
C PRO A 117 0.03 -11.22 9.64
N PRO A 118 0.74 -10.11 9.43
CA PRO A 118 1.63 -10.03 8.25
C PRO A 118 2.70 -11.10 8.30
N SER A 119 3.11 -11.57 7.12
CA SER A 119 4.18 -12.55 7.05
C SER A 119 5.44 -11.92 6.45
N PHE A 120 6.59 -12.38 6.95
CA PHE A 120 7.88 -11.90 6.47
C PHE A 120 8.78 -13.05 6.02
N SER A 121 8.24 -14.28 5.93
CA SER A 121 9.07 -15.43 5.63
C SER A 121 9.34 -15.61 4.15
N GLY A 122 8.55 -14.99 3.28
CA GLY A 122 8.66 -15.27 1.86
C GLY A 122 8.26 -16.67 1.47
N LEU A 123 7.58 -17.42 2.35
CA LEU A 123 7.23 -18.82 2.13
C LEU A 123 5.79 -19.08 2.53
N MET A 124 5.27 -20.23 2.09
CA MET A 124 3.90 -20.59 2.43
C MET A 124 3.83 -21.00 3.91
N ASN A 125 2.62 -21.28 4.38
CA ASN A 125 2.43 -21.61 5.78
C ASN A 125 3.19 -22.87 6.21
N ASP A 126 3.49 -23.77 5.27
CA ASP A 126 4.23 -24.98 5.60
C ASP A 126 5.74 -24.85 5.44
N GLY A 127 6.24 -23.63 5.23
CA GLY A 127 7.67 -23.43 5.13
C GLY A 127 8.28 -23.75 3.79
N THR A 128 7.48 -24.02 2.77
CA THR A 128 7.98 -24.27 1.42
C THR A 128 7.49 -23.18 0.48
N SER A 129 8.08 -23.15 -0.72
CA SER A 129 7.66 -22.24 -1.77
C SER A 129 6.88 -23.01 -2.85
N ARG A 130 5.95 -22.31 -3.50
CA ARG A 130 5.26 -22.86 -4.66
C ARG A 130 5.90 -22.46 -5.97
N MET A 131 6.95 -21.65 -5.93
CA MET A 131 7.52 -21.07 -7.12
C MET A 131 9.00 -21.46 -7.22
N SER A 132 9.42 -21.87 -8.41
CA SER A 132 10.79 -22.31 -8.58
C SER A 132 11.26 -21.95 -9.97
N ILE A 133 12.58 -21.81 -10.11
CA ILE A 133 13.18 -21.55 -11.42
C ILE A 133 13.02 -22.78 -12.28
N ALA A 134 12.51 -22.60 -13.50
CA ALA A 134 12.20 -23.75 -14.35
C ALA A 134 13.45 -24.51 -14.74
N ARG A 135 14.55 -23.81 -14.95
CA ARG A 135 15.74 -24.44 -15.50
C ARG A 135 16.50 -25.29 -14.48
N THR A 136 16.39 -24.94 -13.18
CA THR A 136 17.13 -25.61 -12.11
C THR A 136 16.27 -26.24 -11.03
N GLY A 137 15.00 -25.86 -10.91
CA GLY A 137 14.24 -26.24 -9.75
C GLY A 137 14.51 -25.43 -8.49
N GLU A 138 15.34 -24.39 -8.57
CA GLU A 138 15.69 -23.64 -7.37
C GLU A 138 14.45 -22.92 -6.83
N SER A 139 14.24 -23.03 -5.51
CA SER A 139 13.09 -22.41 -4.88
C SER A 139 13.20 -20.88 -4.88
N ILE A 140 12.07 -20.21 -5.09
CA ILE A 140 12.01 -18.74 -5.14
C ILE A 140 11.13 -18.25 -3.99
N TYR A 141 11.60 -17.23 -3.27
CA TYR A 141 10.76 -16.60 -2.24
C TYR A 141 9.69 -15.72 -2.87
N HIS A 142 8.50 -15.72 -2.27
CA HIS A 142 7.50 -14.76 -2.69
C HIS A 142 7.64 -13.49 -1.85
N PHE A 143 6.78 -12.51 -2.14
CA PHE A 143 6.77 -11.26 -1.41
C PHE A 143 5.46 -11.13 -0.63
N ALA A 144 5.59 -10.70 0.64
CA ALA A 144 4.47 -10.53 1.54
C ALA A 144 3.67 -11.82 1.63
N SER A 145 2.36 -11.76 1.31
CA SER A 145 1.55 -12.97 1.28
C SER A 145 1.30 -13.48 -0.12
N CYS A 146 1.73 -12.73 -1.14
CA CYS A 146 1.47 -13.08 -2.53
C CYS A 146 2.35 -12.23 -3.45
N SER A 147 3.24 -12.85 -4.23
CA SER A 147 3.95 -12.08 -5.26
C SER A 147 3.00 -11.69 -6.38
N THR A 148 3.12 -10.44 -6.85
CA THR A 148 2.27 -10.04 -7.96
C THR A 148 3.05 -9.79 -9.26
N TRP A 149 4.38 -9.75 -9.23
CA TRP A 149 5.13 -9.53 -10.49
C TRP A 149 5.41 -10.87 -11.18
N THR A 150 4.34 -11.62 -11.41
CA THR A 150 4.43 -12.97 -11.92
C THR A 150 3.09 -13.27 -12.58
N GLU A 151 3.13 -14.04 -13.67
CA GLU A 151 1.89 -14.37 -14.37
C GLU A 151 0.95 -15.21 -13.52
N TYR A 152 1.48 -16.06 -12.64
CA TYR A 152 0.69 -16.87 -11.72
C TYR A 152 1.30 -16.83 -10.33
N ALA A 153 0.45 -16.82 -9.29
CA ALA A 153 0.93 -16.82 -7.92
C ALA A 153 0.04 -17.72 -7.08
N VAL A 154 0.53 -18.10 -5.90
CA VAL A 154 -0.24 -18.90 -4.96
C VAL A 154 -0.31 -18.14 -3.63
N ALA A 155 -1.50 -18.08 -3.03
CA ALA A 155 -1.69 -17.41 -1.74
C ALA A 155 -2.54 -18.25 -0.80
N ASP A 156 -2.26 -18.12 0.50
CA ASP A 156 -3.18 -18.58 1.54
C ASP A 156 -4.55 -17.92 1.38
N CYS A 157 -5.62 -18.70 1.46
CA CYS A 157 -6.95 -18.18 1.18
C CYS A 157 -7.39 -17.09 2.16
N ASN A 158 -6.75 -17.01 3.32
CA ASN A 158 -7.06 -15.98 4.31
C ASN A 158 -6.39 -14.67 4.00
N TYR A 159 -5.53 -14.64 2.97
CA TYR A 159 -4.83 -13.44 2.57
C TYR A 159 -5.22 -13.01 1.15
N VAL A 160 -6.42 -13.40 0.72
CA VAL A 160 -7.00 -12.80 -0.47
C VAL A 160 -8.42 -12.38 -0.16
N LEU A 161 -8.88 -11.36 -0.88
CA LEU A 161 -10.23 -10.83 -0.76
C LEU A 161 -10.93 -10.98 -2.11
N LYS A 162 -12.07 -11.68 -2.12
CA LYS A 162 -12.88 -11.75 -3.31
C LYS A 162 -13.61 -10.42 -3.51
N ILE A 163 -13.51 -9.86 -4.71
CA ILE A 163 -14.01 -8.52 -4.96
C ILE A 163 -15.04 -8.54 -6.07
N ASN A 164 -15.83 -7.46 -6.11
CA ASN A 164 -16.84 -7.32 -7.14
C ASN A 164 -16.20 -7.31 -8.52
N PRO A 165 -16.64 -8.18 -9.44
CA PRO A 165 -15.95 -8.31 -10.73
C PRO A 165 -16.10 -7.12 -11.66
N LYS A 166 -16.95 -6.13 -11.37
CA LYS A 166 -17.00 -4.99 -12.26
C LYS A 166 -16.12 -3.82 -11.80
N ILE A 167 -15.38 -3.97 -10.70
CA ILE A 167 -14.36 -2.97 -10.38
C ILE A 167 -13.26 -3.04 -11.43
N SER A 168 -12.73 -1.88 -11.80
CA SER A 168 -11.64 -1.90 -12.77
C SER A 168 -10.40 -2.50 -12.14
N TYR A 169 -9.71 -3.34 -12.88
CA TYR A 169 -8.53 -3.99 -12.33
C TYR A 169 -7.42 -3.01 -11.98
N PRO A 170 -7.10 -1.98 -12.77
CA PRO A 170 -6.11 -1.00 -12.31
C PRO A 170 -6.50 -0.34 -10.98
N HIS A 171 -7.76 0.06 -10.84
CA HIS A 171 -8.18 0.70 -9.60
C HIS A 171 -8.11 -0.25 -8.40
N ALA A 172 -8.51 -1.51 -8.60
CA ALA A 172 -8.39 -2.49 -7.52
C ALA A 172 -6.93 -2.68 -7.12
N SER A 173 -6.02 -2.69 -8.10
CA SER A 173 -4.59 -2.76 -7.79
C SER A 173 -4.17 -1.62 -6.87
N PHE A 174 -4.64 -0.41 -7.16
CA PHE A 174 -4.23 0.73 -6.32
C PHE A 174 -4.86 0.64 -4.94
N LEU A 175 -6.07 0.08 -4.84
CA LEU A 175 -6.73 -0.06 -3.54
C LEU A 175 -6.16 -1.20 -2.71
N SER A 176 -5.31 -2.05 -3.28
CA SER A 176 -4.70 -3.07 -2.45
C SER A 176 -3.59 -2.53 -1.54
N CYS A 177 -3.21 -1.25 -1.64
CA CYS A 177 -2.14 -0.75 -0.77
C CYS A 177 -2.31 0.74 -0.40
N GLY A 178 -1.60 1.62 -1.09
CA GLY A 178 -1.35 2.96 -0.54
C GLY A 178 -2.59 3.84 -0.41
N PHE A 179 -3.39 3.94 -1.47
CA PHE A 179 -4.53 4.85 -1.39
C PHE A 179 -5.47 4.42 -0.28
N THR A 180 -5.71 3.11 -0.17
CA THR A 180 -6.57 2.59 0.89
C THR A 180 -6.02 2.89 2.27
N THR A 181 -4.71 2.72 2.45
CA THR A 181 -4.04 3.04 3.70
C THR A 181 -4.30 4.49 4.11
N GLY A 182 -4.07 5.43 3.20
CA GLY A 182 -4.33 6.82 3.53
C GLY A 182 -5.81 7.11 3.75
N PHE A 183 -6.66 6.58 2.88
CA PHE A 183 -8.10 6.85 2.98
C PHE A 183 -8.65 6.29 4.29
N GLY A 184 -8.31 5.05 4.60
CA GLY A 184 -8.81 4.43 5.82
C GLY A 184 -8.33 5.10 7.08
N ALA A 185 -7.12 5.64 7.06
CA ALA A 185 -6.57 6.27 8.26
C ALA A 185 -7.43 7.43 8.74
N THR A 186 -8.19 8.07 7.84
CA THR A 186 -8.98 9.23 8.22
C THR A 186 -10.27 8.87 8.96
N TRP A 187 -10.61 7.60 9.11
CA TRP A 187 -11.66 7.25 10.08
C TRP A 187 -11.32 6.06 10.96
N ARG A 188 -10.42 5.16 10.54
CA ARG A 188 -10.04 4.05 11.41
C ARG A 188 -8.98 4.44 12.43
N GLU A 189 -8.00 5.28 12.08
CA GLU A 189 -6.94 5.60 13.03
C GLU A 189 -7.18 6.89 13.79
N THR A 190 -7.67 7.92 13.13
CA THR A 190 -8.12 9.12 13.82
C THR A 190 -9.41 9.54 13.12
N GLN A 191 -10.31 10.11 13.89
CA GLN A 191 -11.65 10.41 13.37
C GLN A 191 -11.68 11.86 12.88
N VAL A 192 -11.39 12.03 11.58
CA VAL A 192 -11.54 13.35 10.96
C VAL A 192 -13.03 13.71 10.97
N SER A 193 -13.35 14.88 11.50
CA SER A 193 -14.74 15.27 11.68
C SER A 193 -15.05 16.51 10.84
N LYS A 194 -16.34 16.77 10.67
CA LYS A 194 -16.77 17.92 9.88
C LYS A 194 -16.27 19.21 10.51
N GLY A 195 -15.67 20.06 9.68
CA GLY A 195 -15.11 21.32 10.15
C GLY A 195 -13.71 21.24 10.73
N SER A 196 -13.09 20.07 10.79
CA SER A 196 -11.77 19.98 11.38
C SER A 196 -10.70 20.31 10.35
N SER A 197 -9.47 20.50 10.83
CA SER A 197 -8.35 20.79 9.95
C SER A 197 -7.42 19.59 9.87
N VAL A 198 -6.82 19.40 8.70
CA VAL A 198 -5.99 18.25 8.39
C VAL A 198 -4.75 18.77 7.66
N ALA A 199 -3.58 18.20 7.98
CA ALA A 199 -2.39 18.43 7.17
C ALA A 199 -1.84 17.08 6.75
N VAL A 200 -1.35 17.02 5.51
CA VAL A 200 -0.91 15.78 4.87
C VAL A 200 0.50 16.03 4.35
N PHE A 201 1.48 15.35 4.93
CA PHE A 201 2.88 15.50 4.51
C PHE A 201 3.15 14.43 3.45
N GLY A 202 3.32 14.86 2.21
CA GLY A 202 3.59 13.91 1.15
C GLY A 202 2.32 13.59 0.40
N ILE A 203 2.31 13.83 -0.92
CA ILE A 203 1.10 13.74 -1.72
C ILE A 203 1.29 12.69 -2.81
N GLY A 204 1.77 11.51 -2.42
CA GLY A 204 1.72 10.34 -3.29
C GLY A 204 0.36 9.70 -3.12
N THR A 205 0.26 8.43 -3.55
CA THR A 205 -1.02 7.74 -3.46
C THR A 205 -1.54 7.71 -2.01
N VAL A 206 -0.64 7.57 -1.03
CA VAL A 206 -1.07 7.55 0.37
C VAL A 206 -1.68 8.89 0.76
N GLY A 207 -0.94 9.97 0.53
CA GLY A 207 -1.46 11.29 0.88
C GLY A 207 -2.71 11.67 0.11
N LEU A 208 -2.82 11.24 -1.15
CA LEU A 208 -4.05 11.51 -1.90
C LEU A 208 -5.22 10.76 -1.28
N GLY A 209 -4.98 9.57 -0.74
CA GLY A 209 -6.05 8.88 -0.03
C GLY A 209 -6.46 9.61 1.23
N VAL A 210 -5.47 10.12 1.99
CA VAL A 210 -5.79 10.93 3.16
C VAL A 210 -6.64 12.13 2.76
N ILE A 211 -6.21 12.84 1.72
CA ILE A 211 -6.91 14.05 1.31
C ILE A 211 -8.36 13.74 0.96
N LYS A 212 -8.59 12.69 0.17
CA LYS A 212 -9.96 12.36 -0.23
C LYS A 212 -10.79 11.89 0.96
N GLY A 213 -10.18 11.08 1.85
CA GLY A 213 -10.88 10.68 3.05
C GLY A 213 -11.26 11.86 3.93
N ALA A 214 -10.33 12.81 4.08
CA ALA A 214 -10.62 14.00 4.86
C ALA A 214 -11.73 14.83 4.21
N GLN A 215 -11.69 14.93 2.88
CA GLN A 215 -12.74 15.68 2.19
C GLN A 215 -14.10 15.04 2.38
N LEU A 216 -14.18 13.71 2.28
CA LEU A 216 -15.48 13.06 2.43
C LEU A 216 -15.99 13.17 3.86
N GLN A 217 -15.09 13.28 4.84
CA GLN A 217 -15.49 13.49 6.23
C GLN A 217 -15.82 14.94 6.54
N GLY A 218 -15.65 15.86 5.59
CA GLY A 218 -16.04 17.23 5.80
C GLY A 218 -15.01 18.10 6.48
N ALA A 219 -13.74 17.70 6.50
CA ALA A 219 -12.68 18.59 6.95
C ALA A 219 -12.76 19.88 6.14
N SER A 220 -12.70 21.01 6.82
CA SER A 220 -12.86 22.27 6.11
C SER A 220 -11.54 22.87 5.67
N LYS A 221 -10.42 22.42 6.22
CA LYS A 221 -9.10 22.81 5.74
C LYS A 221 -8.27 21.54 5.58
N ILE A 222 -7.70 21.37 4.39
CA ILE A 222 -6.93 20.16 4.06
C ILE A 222 -5.64 20.64 3.40
N ILE A 223 -4.56 20.67 4.16
CA ILE A 223 -3.28 21.23 3.74
C ILE A 223 -2.41 20.10 3.26
N GLY A 224 -1.98 20.16 1.99
CA GLY A 224 -1.03 19.19 1.45
C GLY A 224 0.36 19.81 1.41
N VAL A 225 1.36 19.03 1.81
CA VAL A 225 2.75 19.47 1.83
C VAL A 225 3.58 18.55 0.94
N ASP A 226 4.28 19.12 -0.05
CA ASP A 226 5.14 18.32 -0.90
C ASP A 226 6.21 19.20 -1.55
N VAL A 227 7.42 18.66 -1.65
CA VAL A 227 8.49 19.36 -2.36
C VAL A 227 8.35 19.26 -3.88
N ASN A 228 7.48 18.37 -4.36
CA ASN A 228 7.26 18.18 -5.80
C ASN A 228 6.04 18.99 -6.20
N GLN A 229 6.27 20.10 -6.91
CA GLN A 229 5.18 21.00 -7.29
C GLN A 229 4.15 20.32 -8.18
N TYR A 230 4.54 19.27 -8.91
CA TYR A 230 3.58 18.57 -9.76
C TYR A 230 2.45 17.97 -8.91
N LYS A 231 2.71 17.67 -7.65
CA LYS A 231 1.68 17.02 -6.85
C LYS A 231 0.54 17.95 -6.46
N ALA A 232 0.77 19.27 -6.52
CA ALA A 232 -0.26 20.21 -6.05
C ALA A 232 -1.57 20.04 -6.82
N ALA A 233 -1.48 19.92 -8.16
CA ALA A 233 -2.71 19.78 -8.94
C ALA A 233 -3.42 18.48 -8.64
N LYS A 234 -2.66 17.40 -8.41
CA LYS A 234 -3.28 16.13 -8.05
C LYS A 234 -3.99 16.23 -6.70
N GLY A 235 -3.34 16.85 -5.73
CA GLY A 235 -3.99 17.06 -4.44
C GLY A 235 -5.30 17.81 -4.56
N LYS A 236 -5.33 18.85 -5.39
CA LYS A 236 -6.55 19.62 -5.56
C LYS A 236 -7.69 18.76 -6.08
N VAL A 237 -7.41 17.87 -7.04
CA VAL A 237 -8.45 16.99 -7.58
C VAL A 237 -9.12 16.17 -6.48
N PHE A 238 -8.37 15.78 -5.46
CA PHE A 238 -8.88 14.94 -4.40
C PHE A 238 -9.43 15.72 -3.21
N GLY A 239 -9.39 17.05 -3.23
CA GLY A 239 -10.04 17.85 -2.19
C GLY A 239 -9.11 18.75 -1.40
N MET A 240 -7.83 18.81 -1.73
CA MET A 240 -6.88 19.66 -0.99
C MET A 240 -7.26 21.12 -1.10
N THR A 241 -7.23 21.84 0.03
CA THR A 241 -7.60 23.26 0.02
C THR A 241 -6.40 24.20 -0.01
N ASP A 242 -5.23 23.75 0.44
CA ASP A 242 -4.06 24.58 0.59
C ASP A 242 -2.85 23.72 0.29
N PHE A 243 -1.84 24.31 -0.36
CA PHE A 243 -0.61 23.60 -0.70
C PHE A 243 0.62 24.32 -0.15
N ILE A 244 1.55 23.57 0.43
CA ILE A 244 2.81 24.11 0.91
C ILE A 244 3.93 23.34 0.23
N ASN A 245 4.83 24.05 -0.44
CA ASN A 245 6.07 23.45 -0.89
C ASN A 245 7.18 23.90 0.04
N PRO A 246 7.77 23.01 0.85
CA PRO A 246 8.83 23.43 1.78
C PRO A 246 10.00 24.13 1.10
N LYS A 247 10.29 23.81 -0.16
CA LYS A 247 11.45 24.43 -0.80
C LYS A 247 11.24 25.91 -1.08
N ASP A 248 10.01 26.41 -1.06
CA ASP A 248 9.78 27.83 -1.24
C ASP A 248 10.20 28.66 -0.03
N HIS A 249 10.45 28.05 1.13
CA HIS A 249 10.79 28.77 2.36
C HIS A 249 11.87 28.02 3.12
N PRO A 250 13.12 28.07 2.66
CA PRO A 250 14.17 27.21 3.25
C PRO A 250 14.53 27.56 4.69
N ASP A 251 14.17 28.74 5.18
CA ASP A 251 14.43 29.13 6.56
C ASP A 251 13.23 28.94 7.48
N LYS A 252 12.17 28.31 7.00
CA LYS A 252 11.00 28.03 7.81
C LYS A 252 10.80 26.53 7.88
N SER A 253 10.38 26.03 9.03
CA SER A 253 10.08 24.62 9.16
C SER A 253 8.69 24.33 8.60
N VAL A 254 8.43 23.05 8.27
CA VAL A 254 7.10 22.69 7.79
C VAL A 254 6.04 23.02 8.82
N SER A 255 6.32 22.74 10.10
CA SER A 255 5.32 23.01 11.13
C SER A 255 5.04 24.50 11.26
N GLU A 256 6.08 25.33 11.12
CA GLU A 256 5.87 26.78 11.07
C GLU A 256 4.92 27.16 9.95
N LEU A 257 5.12 26.60 8.75
CA LEU A 257 4.28 26.94 7.62
C LEU A 257 2.84 26.50 7.84
N VAL A 258 2.63 25.35 8.48
CA VAL A 258 1.26 24.90 8.74
C VAL A 258 0.60 25.80 9.78
N LYS A 259 1.36 26.19 10.81
CA LYS A 259 0.80 27.08 11.82
C LYS A 259 0.40 28.42 11.23
N GLU A 260 1.16 28.90 10.23
CA GLU A 260 0.78 30.16 9.57
C GLU A 260 -0.60 30.08 8.92
N LEU A 261 -1.04 28.90 8.48
CA LEU A 261 -2.35 28.74 7.86
C LEU A 261 -3.46 28.41 8.84
N THR A 262 -3.14 28.22 10.13
CA THR A 262 -4.10 27.73 11.10
C THR A 262 -4.10 28.59 12.35
N HIS A 263 -3.90 29.90 12.17
CA HIS A 263 -4.00 30.86 13.27
C HIS A 263 -2.98 30.58 14.37
N GLY A 264 -1.81 30.08 14.00
CA GLY A 264 -0.78 29.73 14.94
C GLY A 264 -1.03 28.47 15.75
N LEU A 265 -2.13 27.76 15.53
CA LEU A 265 -2.50 26.62 16.36
C LEU A 265 -2.04 25.28 15.81
N GLY A 266 -1.89 25.13 14.50
CA GLY A 266 -1.71 23.82 13.91
C GLY A 266 -3.05 23.16 13.58
N VAL A 267 -2.98 21.90 13.11
CA VAL A 267 -4.16 21.18 12.63
C VAL A 267 -4.65 20.19 13.67
N ASP A 268 -5.93 19.81 13.54
CA ASP A 268 -6.49 18.75 14.37
C ASP A 268 -5.84 17.40 14.08
N HIS A 269 -5.57 17.10 12.82
CA HIS A 269 -5.08 15.78 12.41
C HIS A 269 -3.96 15.96 11.40
N CYS A 270 -2.80 15.38 11.68
CA CYS A 270 -1.68 15.41 10.75
CA CYS A 270 -1.62 15.40 10.81
C CYS A 270 -1.33 13.98 10.36
N PHE A 271 -1.12 13.77 9.06
CA PHE A 271 -0.79 12.45 8.53
C PHE A 271 0.57 12.52 7.86
N GLU A 272 1.49 11.70 8.33
CA GLU A 272 2.86 11.72 7.83
C GLU A 272 2.97 10.66 6.74
N CYS A 273 3.05 11.11 5.49
CA CYS A 273 2.97 10.22 4.34
C CYS A 273 4.20 10.31 3.45
N THR A 274 5.35 10.72 4.03
CA THR A 274 6.62 10.69 3.31
C THR A 274 7.57 9.62 3.81
N GLY A 275 7.54 9.29 5.09
CA GLY A 275 8.54 8.40 5.64
C GLY A 275 9.85 9.07 6.00
N VAL A 276 9.98 10.38 5.74
CA VAL A 276 11.21 11.12 6.06
C VAL A 276 11.32 11.22 7.58
N PRO A 277 12.39 10.71 8.18
CA PRO A 277 12.45 10.64 9.66
C PRO A 277 12.27 11.97 10.35
N SER A 278 12.92 13.03 9.86
CA SER A 278 12.77 14.34 10.51
C SER A 278 11.34 14.86 10.43
N LEU A 279 10.53 14.35 9.50
CA LEU A 279 9.17 14.87 9.35
C LEU A 279 8.19 14.30 10.36
N LEU A 280 8.56 13.24 11.10
CA LEU A 280 7.70 12.82 12.20
C LEU A 280 7.64 13.90 13.26
N ASN A 281 8.79 14.46 13.63
CA ASN A 281 8.81 15.56 14.58
C ASN A 281 8.04 16.76 14.06
N GLU A 282 8.20 17.08 12.76
CA GLU A 282 7.48 18.21 12.18
C GLU A 282 5.97 17.98 12.19
N ALA A 283 5.53 16.73 11.94
CA ALA A 283 4.09 16.44 11.96
C ALA A 283 3.50 16.68 13.34
N LEU A 284 4.23 16.26 14.38
CA LEU A 284 3.77 16.50 15.74
C LEU A 284 3.70 18.00 16.03
N GLU A 285 4.76 18.74 15.68
CA GLU A 285 4.75 20.19 15.92
C GLU A 285 3.69 20.90 15.11
N ALA A 286 3.30 20.34 13.97
CA ALA A 286 2.24 20.94 13.16
C ALA A 286 0.84 20.64 13.66
N SER A 287 0.67 19.69 14.57
CA SER A 287 -0.65 19.42 15.10
C SER A 287 -0.89 20.22 16.38
N LYS A 288 -2.16 20.41 16.73
CA LYS A 288 -2.52 21.25 17.87
C LYS A 288 -2.00 20.68 19.19
N ILE A 289 -1.45 21.56 20.02
CA ILE A 289 -1.20 21.21 21.42
C ILE A 289 -2.49 20.73 22.08
N GLY A 290 -2.39 19.65 22.87
CA GLY A 290 -3.50 19.19 23.69
C GLY A 290 -4.54 18.34 22.99
N ILE A 291 -4.92 18.69 21.77
CA ILE A 291 -6.02 18.01 21.09
C ILE A 291 -5.64 17.50 19.70
N GLY A 292 -4.38 17.65 19.27
CA GLY A 292 -3.98 17.21 17.96
C GLY A 292 -3.57 15.74 17.92
N THR A 293 -3.73 15.11 16.75
CA THR A 293 -3.38 13.70 16.56
C THR A 293 -2.47 13.60 15.35
N VAL A 294 -1.45 12.74 15.45
CA VAL A 294 -0.58 12.44 14.31
C VAL A 294 -0.68 10.95 14.01
N VAL A 295 -0.81 10.62 12.73
CA VAL A 295 -0.75 9.23 12.27
C VAL A 295 0.45 9.11 11.35
N PRO A 296 1.49 8.37 11.76
CA PRO A 296 2.68 8.24 10.91
C PRO A 296 2.56 7.05 9.98
N ILE A 297 2.14 7.28 8.74
CA ILE A 297 1.91 6.19 7.81
C ILE A 297 3.20 5.81 7.09
N GLY A 298 3.96 6.79 6.60
CA GLY A 298 5.19 6.48 5.89
C GLY A 298 6.24 5.86 6.78
N ALA A 299 7.13 5.09 6.16
CA ALA A 299 8.19 4.37 6.85
C ALA A 299 9.54 4.83 6.32
N GLY A 300 10.48 5.07 7.24
CA GLY A 300 11.82 5.49 6.87
C GLY A 300 12.85 4.39 6.76
N GLY A 301 12.54 3.18 7.22
CA GLY A 301 13.45 2.07 7.07
C GLY A 301 14.68 2.08 7.94
N GLU A 302 14.75 2.97 8.93
CA GLU A 302 15.88 3.00 9.86
C GLU A 302 15.57 2.21 11.11
N ALA A 303 16.57 2.06 11.98
CA ALA A 303 16.41 1.23 13.17
C ALA A 303 15.40 1.87 14.14
N SER A 304 15.56 3.15 14.40
CA SER A 304 14.69 3.87 15.32
C SER A 304 14.43 5.26 14.74
N VAL A 305 13.44 5.94 15.32
CA VAL A 305 13.10 7.30 14.92
C VAL A 305 13.08 8.17 16.18
N ALA A 306 13.57 9.40 16.05
CA ALA A 306 13.76 10.29 17.18
C ALA A 306 12.64 11.32 17.26
N ILE A 307 12.14 11.54 18.46
CA ILE A 307 11.11 12.53 18.75
C ILE A 307 11.70 13.52 19.74
N ASN A 308 11.59 14.82 19.43
CA ASN A 308 11.93 15.88 20.38
C ASN A 308 11.29 15.59 21.73
N SER A 309 12.11 15.49 22.77
CA SER A 309 11.60 15.07 24.08
C SER A 309 10.55 16.03 24.64
N LEU A 310 10.59 17.31 24.24
CA LEU A 310 9.59 18.24 24.76
C LEU A 310 8.19 17.95 24.21
N ILE A 311 8.09 17.23 23.09
CA ILE A 311 6.77 16.89 22.55
C ILE A 311 6.02 15.95 23.49
N LEU A 312 6.75 15.24 24.35
CA LEU A 312 6.12 14.31 25.27
C LEU A 312 5.25 15.02 26.30
N PHE A 313 5.42 16.34 26.48
CA PHE A 313 4.59 17.11 27.39
C PHE A 313 3.43 17.82 26.69
N SER A 314 3.20 17.56 25.40
CA SER A 314 2.36 18.46 24.63
C SER A 314 0.93 17.97 24.49
N GLY A 315 0.56 16.84 25.10
CA GLY A 315 -0.83 16.39 25.08
C GLY A 315 -1.31 15.80 23.77
N ARG A 316 -0.45 15.74 22.77
CA ARG A 316 -0.82 15.22 21.47
C ARG A 316 -0.95 13.69 21.49
N THR A 317 -1.68 13.16 20.51
CA THR A 317 -1.88 11.73 20.40
C THR A 317 -1.13 11.25 19.17
N LEU A 318 -0.27 10.24 19.36
CA LEU A 318 0.47 9.62 18.26
C LEU A 318 -0.07 8.20 18.08
N LYS A 319 -0.74 7.96 16.95
CA LYS A 319 -1.46 6.71 16.70
C LYS A 319 -0.69 5.88 15.69
N PHE A 320 -0.07 4.80 16.16
CA PHE A 320 0.61 3.88 15.25
C PHE A 320 -0.40 3.00 14.52
N THR A 321 0.04 2.38 13.44
CA THR A 321 -0.91 2.05 12.39
C THR A 321 -0.27 1.13 11.35
N ALA A 322 -1.04 0.15 10.89
CA ALA A 322 -0.66 -0.59 9.68
C ALA A 322 -1.86 -0.65 8.76
N PHE A 323 -1.60 -0.52 7.45
CA PHE A 323 -2.65 -0.56 6.44
C PHE A 323 -3.79 0.39 6.79
N GLY A 324 -3.41 1.54 7.36
CA GLY A 324 -4.37 2.58 7.68
C GLY A 324 -5.47 2.18 8.65
N GLY A 325 -5.27 1.10 9.42
CA GLY A 325 -6.32 0.61 10.29
C GLY A 325 -7.46 -0.08 9.56
N VAL A 326 -7.35 -0.27 8.25
CA VAL A 326 -8.41 -0.89 7.46
C VAL A 326 -8.45 -2.38 7.73
N ARG A 327 -9.60 -2.87 8.23
CA ARG A 327 -9.83 -4.30 8.39
C ARG A 327 -10.13 -4.90 7.03
N THR A 328 -9.42 -5.98 6.68
CA THR A 328 -9.35 -6.35 5.27
C THR A 328 -10.59 -7.11 4.80
N GLN A 329 -11.37 -7.68 5.70
CA GLN A 329 -12.64 -8.27 5.31
C GLN A 329 -13.83 -7.37 5.61
N SER A 330 -13.75 -6.54 6.65
CA SER A 330 -14.86 -5.67 7.03
C SER A 330 -14.83 -4.31 6.32
N ASP A 331 -13.68 -3.63 6.35
CA ASP A 331 -13.61 -2.25 5.87
C ASP A 331 -13.19 -2.16 4.40
N LEU A 332 -12.29 -3.04 3.95
CA LEU A 332 -11.83 -2.94 2.57
C LEU A 332 -12.96 -3.08 1.55
N PRO A 333 -13.91 -4.01 1.70
CA PRO A 333 -15.04 -4.02 0.73
C PRO A 333 -15.83 -2.72 0.71
N VAL A 334 -15.94 -2.01 1.83
CA VAL A 334 -16.69 -0.75 1.82
C VAL A 334 -15.97 0.29 0.97
N ILE A 335 -14.63 0.32 1.08
CA ILE A 335 -13.85 1.26 0.28
C ILE A 335 -13.96 0.92 -1.20
N ILE A 336 -13.90 -0.37 -1.54
CA ILE A 336 -14.06 -0.77 -2.93
C ILE A 336 -15.42 -0.32 -3.46
N ASP A 337 -16.47 -0.47 -2.65
CA ASP A 337 -17.81 -0.07 -3.07
C ASP A 337 -17.90 1.43 -3.33
N LYS A 338 -17.20 2.24 -2.52
CA LYS A 338 -17.16 3.67 -2.81
C LYS A 338 -16.54 3.94 -4.17
N CYS A 339 -15.56 3.12 -4.56
CA CYS A 339 -14.96 3.26 -5.88
C CYS A 339 -15.92 2.84 -6.98
N LEU A 340 -16.65 1.73 -6.75
CA LEU A 340 -17.65 1.28 -7.70
C LEU A 340 -18.73 2.34 -7.90
N ASN A 341 -19.22 2.92 -6.81
CA ASN A 341 -20.26 3.94 -6.85
C ASN A 341 -19.71 5.31 -7.18
N LYS A 342 -18.43 5.39 -7.53
CA LYS A 342 -17.78 6.62 -7.97
C LYS A 342 -17.80 7.72 -6.92
N GLU A 343 -17.99 7.38 -5.64
CA GLU A 343 -17.78 8.36 -4.59
C GLU A 343 -16.30 8.73 -4.46
N ILE A 344 -15.40 7.80 -4.78
CA ILE A 344 -13.98 8.08 -4.97
C ILE A 344 -13.64 7.80 -6.42
N GLN A 345 -12.85 8.67 -7.03
CA GLN A 345 -12.42 8.55 -8.42
C GLN A 345 -10.91 8.39 -8.47
N LEU A 346 -10.42 7.27 -9.00
CA LEU A 346 -9.01 6.92 -8.93
C LEU A 346 -8.27 7.09 -10.25
N ASP A 347 -8.94 7.56 -11.31
CA ASP A 347 -8.29 7.66 -12.61
C ASP A 347 -7.03 8.51 -12.55
N GLU A 348 -7.04 9.58 -11.76
CA GLU A 348 -5.89 10.47 -11.71
C GLU A 348 -4.66 9.84 -11.07
N LEU A 349 -4.81 8.70 -10.38
CA LEU A 349 -3.63 8.00 -9.88
C LEU A 349 -2.80 7.40 -11.01
N LEU A 350 -3.44 6.97 -12.09
CA LEU A 350 -2.78 6.20 -13.13
C LEU A 350 -2.03 7.14 -14.06
N THR A 351 -0.70 7.14 -13.98
CA THR A 351 0.10 8.02 -14.82
C THR A 351 0.98 7.29 -15.82
N HIS A 352 1.34 6.04 -15.56
CA HIS A 352 2.28 5.30 -16.41
C HIS A 352 1.87 3.84 -16.47
N GLU A 353 2.06 3.21 -17.63
CA GLU A 353 1.76 1.80 -17.83
C GLU A 353 2.96 1.12 -18.47
N ILE A 354 3.30 -0.06 -17.98
CA ILE A 354 4.34 -0.90 -18.58
C ILE A 354 3.86 -2.34 -18.60
N HIS A 355 4.52 -3.17 -19.39
CA HIS A 355 4.32 -4.61 -19.34
CA HIS A 355 4.28 -4.60 -19.29
C HIS A 355 5.42 -5.24 -18.51
N LEU A 356 5.14 -6.46 -18.01
CA LEU A 356 6.05 -7.12 -17.07
C LEU A 356 7.46 -7.27 -17.63
N ASP A 357 7.60 -7.55 -18.93
CA ASP A 357 8.93 -7.71 -19.52
CA ASP A 357 8.95 -7.72 -19.45
C ASP A 357 9.77 -6.44 -19.36
N ASN A 358 9.12 -5.28 -19.27
CA ASN A 358 9.79 -4.00 -19.12
CA ASN A 358 9.82 -4.02 -19.12
C ASN A 358 9.86 -3.55 -17.66
N ILE A 359 9.86 -4.48 -16.72
CA ILE A 359 9.79 -4.14 -15.29
C ILE A 359 10.97 -3.27 -14.86
N GLN A 360 12.16 -3.48 -15.45
CA GLN A 360 13.32 -2.72 -15.00
C GLN A 360 13.13 -1.22 -15.22
N GLU A 361 12.36 -0.85 -16.24
CA GLU A 361 12.09 0.56 -16.52
C GLU A 361 11.24 1.21 -15.43
N ALA A 362 10.48 0.42 -14.68
CA ALA A 362 9.67 0.99 -13.61
C ALA A 362 10.51 1.70 -12.58
N PHE A 363 11.73 1.23 -12.33
CA PHE A 363 12.60 1.84 -11.33
C PHE A 363 13.11 3.19 -11.78
N GLU A 364 13.10 3.48 -13.08
CA GLU A 364 13.41 4.81 -13.56
C GLU A 364 12.18 5.69 -13.63
N ILE A 365 11.05 5.10 -14.01
CA ILE A 365 9.80 5.87 -14.11
C ILE A 365 9.42 6.46 -12.77
N LEU A 366 9.63 5.71 -11.68
CA LEU A 366 9.22 6.20 -10.38
C LEU A 366 9.99 7.43 -9.93
N LYS A 367 11.13 7.72 -10.58
CA LYS A 367 11.87 8.94 -10.30
C LYS A 367 11.30 10.16 -11.01
N LYS A 368 10.39 9.97 -11.96
CA LYS A 368 9.89 11.09 -12.76
C LYS A 368 8.92 11.93 -11.93
N PRO A 369 9.00 13.27 -12.04
CA PRO A 369 8.14 14.12 -11.19
C PRO A 369 6.67 14.00 -11.52
N ASP A 370 6.30 13.50 -12.70
CA ASP A 370 4.90 13.36 -13.05
C ASP A 370 4.37 11.94 -12.82
N CYS A 371 5.10 11.09 -12.10
CA CYS A 371 4.64 9.75 -11.78
C CYS A 371 3.84 9.76 -10.49
N VAL A 372 2.67 9.12 -10.52
CA VAL A 372 1.92 8.86 -9.28
C VAL A 372 1.86 7.35 -9.06
N LYS A 373 1.19 6.62 -9.94
CA LYS A 373 1.12 5.15 -9.86
C LYS A 373 1.47 4.55 -11.22
N ILE A 374 2.24 3.45 -11.21
CA ILE A 374 2.60 2.72 -12.42
C ILE A 374 1.79 1.43 -12.46
N LEU A 375 1.12 1.17 -13.58
CA LEU A 375 0.39 -0.08 -13.80
C LEU A 375 1.27 -1.06 -14.55
N ILE A 376 1.25 -2.32 -14.13
CA ILE A 376 2.04 -3.39 -14.75
C ILE A 376 1.06 -4.36 -15.40
N LYS A 377 1.22 -4.58 -16.71
CA LYS A 377 0.28 -5.39 -17.48
C LYS A 377 0.92 -6.71 -17.90
N PHE A 378 0.04 -7.68 -18.18
CA PHE A 378 0.48 -9.04 -18.49
C PHE A 378 -0.08 -9.45 -19.84
N LEU A 379 0.64 -10.39 -20.46
CA LEU A 379 0.22 -11.06 -21.69
C LEU A 379 -0.39 -12.41 -21.35
N GLU A 380 -1.19 -12.92 -22.27
CA GLU A 380 -1.87 -14.19 -22.06
C GLU A 380 -1.14 -15.32 -22.80
N HIS A 381 -1.24 -16.53 -22.24
CA HIS A 381 -0.61 -17.72 -22.78
C HIS A 381 -1.62 -18.44 -23.66
N HIS A 382 -1.11 -19.19 -24.64
CA HIS A 382 -1.97 -19.89 -25.57
C HIS A 382 -1.47 -21.30 -25.88
#